data_4HPH
#
_entry.id   4HPH
#
_cell.length_a   58.553
_cell.length_b   81.091
_cell.length_c   138.354
_cell.angle_alpha   90.00
_cell.angle_beta   90.00
_cell.angle_gamma   90.00
#
_symmetry.space_group_name_H-M   'P 21 21 21'
#
loop_
_entity.id
_entity.type
_entity.pdbx_description
1 polymer 'Sucrose isomerase'
2 branched beta-D-fructofuranose-(2-1)-alpha-D-glucopyranose
3 non-polymer 'CALCIUM ION'
4 non-polymer GLYCEROL
5 water water
#
_entity_poly.entity_id   1
_entity_poly.type   'polypeptide(L)'
_entity_poly.pdbx_seq_one_letter_code
;NALPTWWKQAVFYQVYPRSFKDTNGDGIGDLNGIIENLDYLKKLGIDAIWINPHYDSPNTDNGYDIRDYRKIMKEYGTME
DFDRLISEMKKRNMRLMIDIVINHTSDQHAWFVQSKSGKNNPYRDYYFWRDGKDGHAPNNYPSFFGGSAWEKDDKSGQYY
LHYFAKQQPDLNWDNPKVRQDLYDMLRFWLDKGVSGLRFDTVATYSKIPNFPDLSQQQLKNFAEEYTKGPKIHDYVNEMN
REVLSHYDIATAGQIFGVPLDKSIKFFDRRRNELNIAFTFDLIRLDRDADERWRRKDWTLSQFRKIVDKVDQTAGEYGWN
AFFLDNHDNPRAVSHFGDDRPQWREHAAKALATLTLTQRATPFIYQGSELGMTNYPFKKIDDFDDVEVKGFWQDYVETGK
VKAEEFLQNVRQTSRDNSRTPFQWDASKNAGFTSGTPWLKINPNYKEINSADQINNPNSVFNYYRKLINIRHDIPALTYG
SYIDLDPDNNSVYAYTRTLGAEKYLVVINFKEEVMHYTLPGDLSINKVITENNSHTIVNKNDRQLRLEPWQSGIYKLNP
;
_entity_poly.pdbx_strand_id   A
#
# COMPACT_ATOMS: atom_id res chain seq x y z
N ASN A 1 -24.42 -11.55 -9.74
CA ASN A 1 -23.91 -12.88 -9.28
C ASN A 1 -22.40 -12.92 -8.90
N ALA A 2 -22.11 -12.95 -7.60
CA ALA A 2 -20.73 -12.95 -7.09
C ALA A 2 -19.95 -14.25 -7.47
N LEU A 3 -18.70 -14.15 -7.97
CA LEU A 3 -17.81 -15.31 -8.19
C LEU A 3 -16.83 -15.40 -6.98
N PRO A 4 -17.22 -16.13 -5.94
CA PRO A 4 -16.41 -15.95 -4.73
C PRO A 4 -15.06 -16.63 -4.88
N THR A 5 -14.03 -16.04 -4.25
CA THR A 5 -12.72 -16.72 -4.23
C THR A 5 -12.09 -16.50 -2.87
N TRP A 6 -11.03 -17.26 -2.53
CA TRP A 6 -10.39 -17.08 -1.22
C TRP A 6 -9.86 -15.68 -1.11
N TRP A 7 -9.40 -15.13 -2.23
CA TRP A 7 -8.71 -13.80 -2.14
C TRP A 7 -9.60 -12.63 -2.12
N LYS A 8 -10.83 -12.77 -2.63
CA LYS A 8 -11.83 -11.77 -2.44
C LYS A 8 -12.30 -11.70 -1.00
N GLN A 9 -12.35 -12.86 -0.30
CA GLN A 9 -12.83 -12.84 1.07
C GLN A 9 -11.75 -12.79 2.11
N ALA A 10 -10.49 -12.68 1.69
CA ALA A 10 -9.39 -12.69 2.62
C ALA A 10 -9.30 -11.32 3.32
N VAL A 11 -8.65 -11.32 4.50
CA VAL A 11 -8.18 -10.04 5.03
C VAL A 11 -6.65 -10.20 5.09
N PHE A 12 -5.95 -9.29 4.40
CA PHE A 12 -4.53 -9.34 4.30
C PHE A 12 -3.94 -8.43 5.34
N TYR A 13 -2.75 -8.79 5.79
CA TYR A 13 -1.95 -7.89 6.65
C TYR A 13 -0.60 -7.67 6.00
N GLN A 14 -0.15 -6.43 5.90
CA GLN A 14 1.09 -6.10 5.24
C GLN A 14 2.16 -5.95 6.31
N VAL A 15 3.21 -6.77 6.20
CA VAL A 15 4.45 -6.68 7.05
C VAL A 15 5.53 -5.98 6.25
N TYR A 16 6.11 -4.93 6.82
CA TYR A 16 7.35 -4.31 6.28
C TYR A 16 8.49 -4.89 7.09
N PRO A 17 9.15 -5.95 6.60
CA PRO A 17 10.05 -6.75 7.51
C PRO A 17 11.12 -5.92 8.24
N ARG A 18 11.69 -4.90 7.60
CA ARG A 18 12.63 -4.01 8.23
C ARG A 18 12.17 -3.41 9.57
N SER A 19 10.82 -3.22 9.69
CA SER A 19 10.28 -2.53 10.85
C SER A 19 9.32 -3.38 11.65
N PHE A 20 9.29 -4.70 11.45
CA PHE A 20 8.35 -5.53 12.21
C PHE A 20 8.91 -6.12 13.49
N LYS A 21 9.91 -6.99 13.41
CA LYS A 21 10.50 -7.40 14.72
C LYS A 21 11.93 -7.83 14.48
N ASP A 22 12.85 -7.22 15.26
CA ASP A 22 14.30 -7.57 15.13
C ASP A 22 14.59 -8.69 16.18
N THR A 23 15.16 -9.76 15.72
CA THR A 23 15.48 -10.86 16.69
C THR A 23 16.99 -11.06 16.88
N ASN A 24 17.86 -10.22 16.34
CA ASN A 24 19.26 -10.45 16.63
C ASN A 24 20.00 -9.20 17.01
N GLY A 25 19.28 -8.16 17.37
CA GLY A 25 19.91 -6.97 17.90
C GLY A 25 20.61 -6.00 17.00
N ASP A 26 20.48 -6.14 15.67
CA ASP A 26 21.12 -5.22 14.80
C ASP A 26 20.24 -3.97 14.52
N GLY A 27 19.02 -3.99 15.04
CA GLY A 27 18.12 -2.83 14.92
C GLY A 27 17.20 -2.87 13.67
N ILE A 28 17.30 -3.94 12.89
CA ILE A 28 16.55 -4.12 11.63
C ILE A 28 15.75 -5.37 11.80
N GLY A 29 14.46 -5.24 11.49
CA GLY A 29 13.69 -6.44 11.60
C GLY A 29 14.03 -7.49 10.55
N ASP A 30 13.63 -8.72 10.83
CA ASP A 30 14.07 -9.90 10.06
C ASP A 30 13.01 -10.99 9.93
N LEU A 31 13.26 -11.99 9.05
CA LEU A 31 12.28 -13.11 8.88
C LEU A 31 11.94 -13.85 10.15
N ASN A 32 12.95 -14.21 10.97
CA ASN A 32 12.63 -14.87 12.27
C ASN A 32 11.68 -14.03 13.16
N GLY A 33 11.73 -12.68 13.00
CA GLY A 33 10.89 -11.80 13.78
C GLY A 33 9.44 -11.95 13.26
N ILE A 34 9.29 -12.21 11.96
CA ILE A 34 7.93 -12.47 11.47
C ILE A 34 7.44 -13.82 12.02
N ILE A 35 8.27 -14.84 11.89
CA ILE A 35 7.91 -16.21 12.31
C ILE A 35 7.45 -16.24 13.77
N GLU A 36 8.17 -15.50 14.59
CA GLU A 36 7.95 -15.52 16.02
C GLU A 36 6.63 -14.87 16.38
N ASN A 37 6.09 -14.03 15.47
CA ASN A 37 4.82 -13.37 15.75
C ASN A 37 3.65 -13.79 14.90
N LEU A 38 3.76 -14.96 14.28
CA LEU A 38 2.60 -15.47 13.51
C LEU A 38 1.41 -15.77 14.36
N ASP A 39 1.62 -16.27 15.61
CA ASP A 39 0.47 -16.48 16.47
C ASP A 39 -0.32 -15.22 16.83
N TYR A 40 0.43 -14.12 16.96
CA TYR A 40 -0.16 -12.82 17.14
C TYR A 40 -1.10 -12.45 15.95
N LEU A 41 -0.60 -12.64 14.73
CA LEU A 41 -1.44 -12.29 13.50
C LEU A 41 -2.60 -13.24 13.39
N LYS A 42 -2.37 -14.50 13.76
CA LYS A 42 -3.48 -15.46 13.79
C LYS A 42 -4.55 -15.09 14.80
N LYS A 43 -4.20 -14.57 15.98
CA LYS A 43 -5.18 -14.10 16.96
C LYS A 43 -5.97 -12.88 16.40
N LEU A 44 -5.27 -12.00 15.68
CA LEU A 44 -5.91 -10.84 15.07
C LEU A 44 -7.03 -11.35 14.09
N GLY A 45 -6.78 -12.50 13.46
CA GLY A 45 -7.66 -13.14 12.46
C GLY A 45 -7.30 -12.97 10.99
N ILE A 46 -6.08 -12.54 10.73
CA ILE A 46 -5.46 -12.33 9.37
C ILE A 46 -5.44 -13.67 8.68
N ASP A 47 -5.76 -13.74 7.38
CA ASP A 47 -5.47 -15.06 6.75
C ASP A 47 -4.39 -15.04 5.69
N ALA A 48 -3.88 -13.83 5.34
CA ALA A 48 -2.83 -13.74 4.32
C ALA A 48 -1.93 -12.60 4.71
N ILE A 49 -0.63 -12.78 4.46
CA ILE A 49 0.30 -11.68 4.76
C ILE A 49 0.99 -11.30 3.46
N TRP A 50 1.12 -9.99 3.14
CA TRP A 50 1.94 -9.52 2.04
C TRP A 50 3.22 -8.97 2.74
N ILE A 51 4.40 -9.50 2.38
CA ILE A 51 5.68 -8.94 2.84
C ILE A 51 6.27 -8.07 1.78
N ASN A 52 6.75 -6.90 2.20
CA ASN A 52 7.58 -6.06 1.32
C ASN A 52 8.91 -6.82 0.90
N PRO A 53 9.64 -6.30 -0.10
CA PRO A 53 10.71 -7.12 -0.71
C PRO A 53 11.71 -7.69 0.29
N HIS A 54 12.08 -8.95 0.05
CA HIS A 54 12.86 -9.74 0.99
C HIS A 54 14.13 -10.21 0.35
N TYR A 55 14.54 -9.58 -0.76
CA TYR A 55 15.66 -10.13 -1.65
C TYR A 55 16.92 -9.37 -1.36
N ASP A 56 18.05 -10.00 -1.76
CA ASP A 56 19.36 -9.38 -1.68
C ASP A 56 19.30 -8.00 -2.30
N SER A 57 19.72 -6.96 -1.53
CA SER A 57 19.54 -5.56 -1.93
C SER A 57 20.58 -4.71 -1.18
N PRO A 58 21.17 -3.68 -1.89
CA PRO A 58 22.00 -2.71 -1.16
C PRO A 58 21.21 -1.72 -0.35
N ASN A 59 19.88 -1.77 -0.47
CA ASN A 59 18.96 -0.91 0.31
C ASN A 59 19.06 0.61 0.12
N THR A 60 19.41 1.08 -1.07
CA THR A 60 19.12 2.44 -1.43
C THR A 60 17.63 2.76 -1.21
N ASP A 61 16.77 1.79 -1.48
CA ASP A 61 15.29 2.03 -1.41
C ASP A 61 14.71 0.86 -0.65
N ASN A 62 15.40 0.49 0.43
CA ASN A 62 14.92 -0.52 1.42
C ASN A 62 14.30 -1.79 0.82
N GLY A 63 15.02 -2.37 -0.12
CA GLY A 63 14.62 -3.68 -0.68
C GLY A 63 14.05 -3.55 -2.07
N TYR A 64 13.64 -2.34 -2.45
CA TYR A 64 13.10 -2.14 -3.80
C TYR A 64 14.19 -1.98 -4.88
N ASP A 65 15.48 -2.12 -4.49
CA ASP A 65 16.62 -2.05 -5.50
C ASP A 65 17.30 -3.41 -5.34
N ILE A 66 16.89 -4.38 -6.19
CA ILE A 66 17.25 -5.79 -5.93
C ILE A 66 18.55 -6.17 -6.70
N ARG A 67 19.48 -6.70 -5.95
CA ARG A 67 20.77 -7.11 -6.48
C ARG A 67 20.77 -8.58 -6.94
N ASP A 68 19.88 -9.40 -6.37
CA ASP A 68 19.77 -10.81 -6.74
C ASP A 68 18.41 -11.32 -6.33
N TYR A 69 17.62 -11.72 -7.34
CA TYR A 69 16.20 -12.04 -7.09
C TYR A 69 16.07 -13.36 -6.45
N ARG A 70 17.16 -14.16 -6.43
CA ARG A 70 17.05 -15.50 -5.89
C ARG A 70 17.82 -15.71 -4.57
N LYS A 71 18.23 -14.62 -3.94
CA LYS A 71 18.89 -14.64 -2.64
C LYS A 71 18.08 -13.81 -1.63
N ILE A 72 18.00 -14.28 -0.40
CA ILE A 72 17.35 -13.51 0.70
C ILE A 72 18.24 -12.29 1.07
N MET A 73 17.61 -11.19 1.42
CA MET A 73 18.34 -9.99 1.88
C MET A 73 19.20 -10.37 3.12
N LYS A 74 20.47 -9.98 3.16
CA LYS A 74 21.29 -10.42 4.24
C LYS A 74 20.72 -10.04 5.65
N GLU A 75 20.27 -8.79 5.75
CA GLU A 75 19.65 -8.31 6.96
C GLU A 75 18.42 -9.10 7.39
N TYR A 76 17.77 -9.82 6.47
CA TYR A 76 16.49 -10.48 6.87
C TYR A 76 16.69 -11.95 7.20
N GLY A 77 17.82 -12.53 6.81
CA GLY A 77 18.09 -13.93 7.23
C GLY A 77 18.59 -14.74 6.03
N THR A 78 18.23 -16.02 6.03
CA THR A 78 18.70 -16.97 5.02
C THR A 78 17.55 -17.56 4.28
N MET A 79 17.87 -18.34 3.24
CA MET A 79 16.81 -19.08 2.52
C MET A 79 16.09 -20.08 3.40
N GLU A 80 16.82 -20.68 4.35
CA GLU A 80 16.17 -21.55 5.36
C GLU A 80 15.13 -20.85 6.15
N ASP A 81 15.42 -19.61 6.54
CA ASP A 81 14.46 -18.78 7.30
C ASP A 81 13.22 -18.55 6.45
N PHE A 82 13.47 -18.21 5.18
CA PHE A 82 12.33 -17.97 4.27
C PHE A 82 11.48 -19.23 4.16
N ASP A 83 12.10 -20.39 3.92
CA ASP A 83 11.36 -21.66 3.84
C ASP A 83 10.60 -21.96 5.14
N ARG A 84 11.18 -21.57 6.30
CA ARG A 84 10.53 -21.80 7.59
CA ARG A 84 10.48 -21.84 7.56
C ARG A 84 9.28 -20.92 7.73
N LEU A 85 9.40 -19.67 7.23
CA LEU A 85 8.23 -18.79 7.21
C LEU A 85 7.09 -19.38 6.44
N ILE A 86 7.34 -19.83 5.20
CA ILE A 86 6.34 -20.54 4.42
C ILE A 86 5.73 -21.74 5.16
N SER A 87 6.58 -22.55 5.76
CA SER A 87 6.17 -23.74 6.43
C SER A 87 5.33 -23.44 7.71
N GLU A 88 5.76 -22.45 8.51
CA GLU A 88 5.00 -22.07 9.69
C GLU A 88 3.68 -21.35 9.38
N MET A 89 3.63 -20.59 8.26
CA MET A 89 2.33 -19.97 7.89
C MET A 89 1.42 -21.10 7.45
N LYS A 90 1.97 -22.03 6.67
CA LYS A 90 1.19 -23.21 6.17
C LYS A 90 0.56 -23.98 7.32
N LYS A 91 1.37 -24.21 8.36
CA LYS A 91 0.83 -24.86 9.58
C LYS A 91 -0.34 -24.12 10.16
N ARG A 92 -0.37 -22.79 10.04
CA ARG A 92 -1.44 -21.96 10.59
C ARG A 92 -2.49 -21.56 9.56
N ASN A 93 -2.45 -22.24 8.42
CA ASN A 93 -3.38 -21.90 7.38
C ASN A 93 -3.40 -20.45 6.96
N MET A 94 -2.21 -19.91 6.77
CA MET A 94 -2.05 -18.51 6.31
C MET A 94 -1.29 -18.55 5.01
N ARG A 95 -1.64 -17.64 4.10
CA ARG A 95 -1.10 -17.62 2.71
C ARG A 95 -0.17 -16.44 2.58
N LEU A 96 0.95 -16.65 1.89
CA LEU A 96 1.97 -15.57 1.77
C LEU A 96 1.97 -14.96 0.40
N MET A 97 1.97 -13.60 0.40
CA MET A 97 2.13 -12.81 -0.81
C MET A 97 3.46 -12.10 -0.75
N ILE A 98 4.28 -12.25 -1.77
CA ILE A 98 5.53 -11.55 -1.93
C ILE A 98 5.48 -10.43 -2.95
N ASP A 99 6.47 -9.55 -2.84
CA ASP A 99 6.52 -8.31 -3.61
C ASP A 99 7.39 -8.57 -4.77
N ILE A 100 6.83 -8.37 -5.97
CA ILE A 100 7.56 -8.55 -7.24
C ILE A 100 7.96 -7.20 -7.85
N VAL A 101 9.30 -6.98 -7.89
CA VAL A 101 9.81 -5.64 -8.28
C VAL A 101 10.61 -5.83 -9.58
N ILE A 102 9.91 -5.69 -10.70
CA ILE A 102 10.52 -6.06 -12.00
C ILE A 102 10.38 -4.94 -13.00
N ASN A 103 10.13 -3.72 -12.52
CA ASN A 103 10.26 -2.55 -13.40
C ASN A 103 11.73 -2.18 -13.48
N HIS A 104 12.50 -2.56 -12.47
CA HIS A 104 13.94 -2.13 -12.36
C HIS A 104 14.64 -3.07 -11.47
N THR A 105 15.99 -3.10 -11.52
CA THR A 105 16.80 -3.85 -10.60
C THR A 105 17.74 -2.79 -9.95
N SER A 106 18.51 -3.28 -9.04
CA SER A 106 19.66 -2.54 -8.47
C SER A 106 20.69 -2.33 -9.57
N ASP A 107 21.41 -1.21 -9.54
CA ASP A 107 22.59 -1.09 -10.43
C ASP A 107 23.72 -2.02 -10.06
N GLN A 108 23.57 -2.83 -9.03
CA GLN A 108 24.55 -3.83 -8.64
C GLN A 108 24.17 -5.22 -9.16
N HIS A 109 22.96 -5.33 -9.69
CA HIS A 109 22.53 -6.63 -10.25
C HIS A 109 23.47 -7.07 -11.38
N ALA A 110 23.73 -8.37 -11.48
CA ALA A 110 24.72 -8.99 -12.41
C ALA A 110 24.31 -8.56 -13.80
N TRP A 111 22.98 -8.49 -14.09
CA TRP A 111 22.61 -7.98 -15.39
C TRP A 111 23.06 -6.61 -15.70
N PHE A 112 22.97 -5.65 -14.77
CA PHE A 112 23.26 -4.28 -15.14
C PHE A 112 24.81 -4.16 -15.13
N VAL A 113 25.45 -4.91 -14.25
CA VAL A 113 26.98 -4.82 -14.19
C VAL A 113 27.46 -5.18 -15.61
N GLN A 114 26.92 -6.26 -16.13
CA GLN A 114 27.27 -6.60 -17.53
C GLN A 114 26.89 -5.56 -18.54
N SER A 115 25.61 -5.09 -18.53
CA SER A 115 25.09 -4.14 -19.43
C SER A 115 25.88 -2.87 -19.57
N LYS A 116 26.36 -2.35 -18.43
CA LYS A 116 27.06 -1.05 -18.43
C LYS A 116 28.49 -1.21 -19.03
N SER A 117 28.97 -2.46 -19.16
CA SER A 117 30.35 -2.81 -19.71
C SER A 117 30.69 -2.15 -21.04
N GLY A 118 29.71 -2.10 -21.93
CA GLY A 118 29.94 -1.65 -23.30
C GLY A 118 28.78 -1.94 -24.22
N LYS A 119 28.59 -1.11 -25.24
CA LYS A 119 27.51 -1.37 -26.20
C LYS A 119 27.50 -2.81 -26.65
N ASN A 120 28.63 -3.56 -26.54
CA ASN A 120 28.67 -4.91 -27.19
C ASN A 120 28.37 -6.04 -26.28
N ASN A 121 28.13 -5.70 -25.01
CA ASN A 121 27.76 -6.70 -24.09
C ASN A 121 26.35 -7.23 -24.43
N PRO A 122 26.18 -8.54 -24.30
CA PRO A 122 24.94 -9.29 -24.57
C PRO A 122 23.77 -8.72 -23.76
N TYR A 123 24.11 -8.15 -22.59
CA TYR A 123 23.13 -7.63 -21.63
C TYR A 123 22.91 -6.18 -21.82
N ARG A 124 23.59 -5.62 -22.83
CA ARG A 124 23.41 -4.25 -23.11
C ARG A 124 21.91 -3.82 -23.14
N ASP A 125 21.12 -4.57 -23.88
CA ASP A 125 19.75 -4.09 -24.11
C ASP A 125 18.76 -4.73 -23.10
N TYR A 126 19.29 -5.22 -21.98
CA TYR A 126 18.43 -5.55 -20.78
C TYR A 126 17.91 -4.27 -20.09
N TYR A 127 18.51 -3.10 -20.42
CA TYR A 127 18.25 -1.81 -19.84
C TYR A 127 18.18 -0.81 -20.96
N PHE A 128 17.84 0.45 -20.68
CA PHE A 128 17.63 1.43 -21.69
C PHE A 128 18.80 2.39 -21.74
N TRP A 129 19.53 2.41 -22.86
CA TRP A 129 20.70 3.25 -22.94
C TRP A 129 20.50 4.14 -24.10
N ARG A 130 20.69 5.44 -23.96
CA ARG A 130 20.44 6.40 -25.04
CA ARG A 130 20.44 6.39 -25.03
C ARG A 130 21.46 7.52 -25.04
N ASP A 131 21.66 8.14 -26.22
CA ASP A 131 22.59 9.22 -26.35
C ASP A 131 22.05 10.46 -25.80
N GLY A 132 22.94 11.26 -25.20
CA GLY A 132 22.61 12.60 -24.75
C GLY A 132 22.26 13.49 -25.92
N LYS A 133 21.69 14.65 -25.62
CA LYS A 133 21.32 15.63 -26.61
C LYS A 133 21.90 16.99 -26.15
N ASP A 134 22.75 17.58 -27.00
CA ASP A 134 23.57 18.79 -26.67
C ASP A 134 24.30 18.68 -25.33
N GLY A 135 25.03 17.59 -25.12
CA GLY A 135 25.62 17.28 -23.81
C GLY A 135 24.68 17.40 -22.60
N HIS A 136 23.37 17.24 -22.78
CA HIS A 136 22.53 16.94 -21.60
C HIS A 136 21.75 15.65 -21.73
N ALA A 137 20.73 15.43 -20.91
CA ALA A 137 20.08 14.10 -20.91
C ALA A 137 19.38 13.91 -22.26
N PRO A 138 19.11 12.64 -22.64
CA PRO A 138 18.32 12.31 -23.83
C PRO A 138 17.01 13.09 -23.89
N ASN A 139 16.30 13.26 -22.77
CA ASN A 139 15.11 14.10 -22.83
C ASN A 139 14.84 14.68 -21.44
N ASN A 140 13.70 15.30 -21.28
CA ASN A 140 13.38 16.04 -20.06
C ASN A 140 12.66 15.19 -18.98
N TYR A 141 12.70 13.89 -19.15
CA TYR A 141 12.09 12.98 -18.10
C TYR A 141 12.63 13.29 -16.68
N PRO A 142 11.75 13.51 -15.70
CA PRO A 142 12.18 13.58 -14.29
C PRO A 142 12.08 12.22 -13.58
N SER A 143 12.88 12.01 -12.55
CA SER A 143 12.75 10.81 -11.72
C SER A 143 11.83 11.08 -10.56
N PHE A 144 11.04 10.04 -10.17
CA PHE A 144 10.32 10.11 -8.89
C PHE A 144 11.15 10.47 -7.68
N PHE A 145 12.39 10.03 -7.67
CA PHE A 145 13.30 10.22 -6.52
C PHE A 145 14.29 11.40 -6.65
N GLY A 146 14.06 12.27 -7.61
CA GLY A 146 14.75 13.57 -7.69
C GLY A 146 15.65 13.65 -8.92
N GLY A 147 15.76 14.85 -9.44
CA GLY A 147 16.59 15.07 -10.64
C GLY A 147 16.03 14.38 -11.87
N SER A 148 16.94 14.24 -12.81
CA SER A 148 16.65 13.61 -14.11
C SER A 148 16.45 12.07 -13.99
N ALA A 149 15.61 11.50 -14.83
CA ALA A 149 15.53 10.04 -15.01
C ALA A 149 16.64 9.45 -15.86
N TRP A 150 17.69 10.21 -16.26
CA TRP A 150 18.76 9.66 -17.04
C TRP A 150 20.04 9.89 -16.35
N GLU A 151 20.87 8.84 -16.27
CA GLU A 151 22.16 8.86 -15.59
C GLU A 151 23.29 8.55 -16.62
N LYS A 152 24.19 9.52 -16.86
CA LYS A 152 25.33 9.30 -17.78
C LYS A 152 26.33 8.31 -17.25
N ASP A 153 26.75 7.38 -18.07
CA ASP A 153 27.79 6.40 -17.71
C ASP A 153 29.06 6.87 -18.47
N ASP A 154 30.19 7.04 -17.78
CA ASP A 154 31.41 7.49 -18.46
C ASP A 154 32.05 6.43 -19.35
N LYS A 155 32.06 5.18 -18.91
CA LYS A 155 32.52 4.11 -19.78
C LYS A 155 31.98 4.22 -21.22
N SER A 156 30.67 4.38 -21.39
CA SER A 156 30.09 4.36 -22.72
C SER A 156 29.72 5.71 -23.26
N GLY A 157 29.66 6.72 -22.42
CA GLY A 157 29.09 7.99 -22.84
C GLY A 157 27.57 8.07 -23.07
N GLN A 158 26.87 6.94 -22.86
CA GLN A 158 25.44 6.96 -22.99
C GLN A 158 24.83 7.15 -21.57
N TYR A 159 23.54 7.53 -21.55
CA TYR A 159 22.69 7.70 -20.34
C TYR A 159 21.86 6.43 -20.19
N TYR A 160 21.65 5.98 -18.93
CA TYR A 160 20.65 4.92 -18.74
C TYR A 160 19.43 5.44 -18.03
N LEU A 161 18.31 4.78 -18.26
CA LEU A 161 17.04 5.27 -17.73
C LEU A 161 16.78 4.69 -16.31
N HIS A 162 16.32 5.59 -15.42
CA HIS A 162 15.89 5.22 -14.05
C HIS A 162 14.70 6.12 -13.66
N TYR A 163 13.50 5.55 -13.71
CA TYR A 163 12.41 6.34 -13.23
C TYR A 163 12.57 6.61 -11.68
N PHE A 164 13.16 5.66 -10.93
CA PHE A 164 13.30 5.81 -9.50
C PHE A 164 14.77 6.22 -9.22
N ALA A 165 15.41 5.64 -8.26
CA ALA A 165 16.77 6.15 -7.88
C ALA A 165 17.75 5.87 -9.02
N LYS A 166 18.88 6.61 -9.06
CA LYS A 166 19.93 6.25 -10.00
C LYS A 166 20.39 4.82 -9.80
N GLN A 167 20.29 4.26 -8.57
CA GLN A 167 20.56 2.89 -8.29
C GLN A 167 19.52 1.84 -8.68
N GLN A 168 18.44 2.29 -9.32
CA GLN A 168 17.37 1.43 -9.83
C GLN A 168 17.11 1.58 -11.33
N PRO A 169 18.07 1.18 -12.16
CA PRO A 169 17.86 1.27 -13.63
C PRO A 169 16.69 0.36 -14.12
N ASP A 170 15.91 0.92 -15.02
CA ASP A 170 14.72 0.26 -15.54
C ASP A 170 15.11 -0.88 -16.49
N LEU A 171 14.43 -2.02 -16.34
CA LEU A 171 14.61 -3.17 -17.22
C LEU A 171 13.88 -2.97 -18.55
N ASN A 172 14.41 -3.52 -19.62
CA ASN A 172 13.85 -3.27 -20.92
C ASN A 172 12.88 -4.41 -21.31
N TRP A 173 11.58 -4.19 -21.05
CA TRP A 173 10.60 -5.22 -21.25
C TRP A 173 10.33 -5.43 -22.72
N ASP A 174 10.77 -4.48 -23.59
CA ASP A 174 10.68 -4.72 -25.02
C ASP A 174 11.55 -5.83 -25.52
N ASN A 175 12.58 -6.22 -24.78
CA ASN A 175 13.45 -7.33 -25.13
C ASN A 175 12.83 -8.63 -24.64
N PRO A 176 12.46 -9.53 -25.55
CA PRO A 176 11.83 -10.76 -25.05
C PRO A 176 12.74 -11.58 -24.15
N LYS A 177 14.05 -11.45 -24.27
CA LYS A 177 14.90 -12.19 -23.38
C LYS A 177 14.79 -11.76 -21.91
N VAL A 178 14.58 -10.48 -21.73
CA VAL A 178 14.36 -9.92 -20.35
C VAL A 178 13.07 -10.53 -19.78
N ARG A 179 11.98 -10.46 -20.58
CA ARG A 179 10.74 -11.04 -20.05
C ARG A 179 10.94 -12.51 -19.74
N GLN A 180 11.59 -13.29 -20.62
CA GLN A 180 11.83 -14.71 -20.26
C GLN A 180 12.60 -14.95 -19.01
N ASP A 181 13.68 -14.17 -18.82
CA ASP A 181 14.45 -14.26 -17.60
C ASP A 181 13.59 -13.93 -16.32
N LEU A 182 12.75 -12.93 -16.46
CA LEU A 182 11.86 -12.50 -15.31
C LEU A 182 10.87 -13.61 -15.04
N TYR A 183 10.40 -14.23 -16.12
CA TYR A 183 9.50 -15.38 -15.92
C TYR A 183 10.13 -16.57 -15.20
N ASP A 184 11.37 -16.89 -15.52
CA ASP A 184 12.08 -17.95 -14.76
C ASP A 184 12.24 -17.58 -13.31
N MET A 185 12.54 -16.30 -13.08
CA MET A 185 12.63 -15.78 -11.69
C MET A 185 11.28 -15.99 -10.94
N LEU A 186 10.16 -15.56 -11.56
CA LEU A 186 8.93 -15.81 -10.88
C LEU A 186 8.68 -17.31 -10.57
N ARG A 187 9.00 -18.20 -11.52
CA ARG A 187 8.73 -19.59 -11.27
C ARG A 187 9.57 -20.08 -10.12
N PHE A 188 10.77 -19.50 -9.97
CA PHE A 188 11.57 -19.89 -8.80
C PHE A 188 10.87 -19.72 -7.47
N TRP A 189 10.16 -18.58 -7.32
CA TRP A 189 9.45 -18.26 -6.05
C TRP A 189 8.17 -19.00 -5.99
N LEU A 190 7.49 -19.06 -7.11
CA LEU A 190 6.20 -19.74 -7.13
C LEU A 190 6.36 -21.24 -6.83
N ASP A 191 7.43 -21.82 -7.31
CA ASP A 191 7.65 -23.26 -7.04
C ASP A 191 7.79 -23.55 -5.54
N LYS A 192 8.11 -22.53 -4.74
CA LYS A 192 8.22 -22.69 -3.27
C LYS A 192 6.89 -22.61 -2.56
N GLY A 193 5.79 -22.45 -3.30
CA GLY A 193 4.48 -22.49 -2.69
C GLY A 193 3.92 -21.13 -2.20
N VAL A 194 4.53 -20.04 -2.63
CA VAL A 194 3.97 -18.73 -2.34
C VAL A 194 2.54 -18.64 -2.92
N SER A 195 1.62 -17.95 -2.24
CA SER A 195 0.27 -17.92 -2.71
C SER A 195 -0.12 -16.65 -3.42
N GLY A 196 0.71 -15.62 -3.38
CA GLY A 196 0.28 -14.36 -3.98
C GLY A 196 1.49 -13.55 -4.41
N LEU A 197 1.21 -12.67 -5.38
CA LEU A 197 2.31 -11.76 -5.86
C LEU A 197 1.75 -10.38 -5.95
N ARG A 198 2.50 -9.39 -5.40
CA ARG A 198 2.11 -8.00 -5.53
C ARG A 198 3.10 -7.35 -6.50
N PHE A 199 2.61 -6.91 -7.69
CA PHE A 199 3.52 -6.28 -8.67
C PHE A 199 3.72 -4.79 -8.43
N ASP A 200 4.94 -4.42 -8.02
CA ASP A 200 5.37 -3.06 -7.77
C ASP A 200 5.35 -2.26 -9.10
N THR A 201 4.75 -1.08 -9.06
CA THR A 201 4.65 -0.20 -10.25
C THR A 201 4.44 -0.97 -11.56
N VAL A 202 3.33 -1.76 -11.62
CA VAL A 202 3.17 -2.70 -12.73
C VAL A 202 2.89 -1.96 -14.03
N ALA A 203 2.36 -0.75 -13.96
CA ALA A 203 1.84 -0.04 -15.17
C ALA A 203 3.00 0.66 -15.92
N THR A 204 4.18 0.66 -15.36
CA THR A 204 5.29 1.39 -16.06
C THR A 204 6.25 0.46 -16.91
N TYR A 205 5.97 -0.82 -17.09
CA TYR A 205 6.92 -1.74 -17.74
C TYR A 205 7.18 -1.40 -19.20
N SER A 206 6.19 -0.83 -19.83
CA SER A 206 6.26 -0.47 -21.27
C SER A 206 6.68 0.99 -21.39
N LYS A 207 7.85 1.18 -22.02
CA LYS A 207 8.39 2.54 -22.22
C LYS A 207 7.87 3.14 -23.52
N ILE A 208 7.84 4.44 -23.63
CA ILE A 208 7.22 5.16 -24.78
C ILE A 208 8.25 5.10 -25.94
N PRO A 209 7.81 4.63 -27.16
CA PRO A 209 8.78 4.52 -28.26
C PRO A 209 9.38 5.87 -28.62
N ASN A 210 10.70 5.85 -28.77
CA ASN A 210 11.56 6.98 -29.11
C ASN A 210 11.70 8.04 -28.00
N PHE A 211 11.21 7.75 -26.80
CA PHE A 211 11.43 8.71 -25.73
C PHE A 211 11.28 10.22 -26.04
N PRO A 212 10.10 10.69 -26.54
CA PRO A 212 9.95 12.12 -26.83
C PRO A 212 10.00 12.92 -25.55
N ASP A 213 10.39 14.20 -25.62
CA ASP A 213 10.25 15.07 -24.45
C ASP A 213 8.82 15.13 -23.94
N LEU A 214 8.66 15.23 -22.63
CA LEU A 214 7.35 15.56 -22.09
C LEU A 214 7.08 17.02 -22.29
N SER A 215 5.81 17.33 -22.55
CA SER A 215 5.35 18.71 -22.64
C SER A 215 5.27 19.40 -21.28
N GLN A 216 4.92 20.69 -21.26
CA GLN A 216 4.91 21.44 -19.99
C GLN A 216 3.90 20.86 -19.01
N GLN A 217 2.70 20.60 -19.51
CA GLN A 217 1.64 20.05 -18.71
C GLN A 217 2.04 18.65 -18.20
N GLN A 218 2.56 17.82 -19.11
CA GLN A 218 3.03 16.46 -18.74
C GLN A 218 4.10 16.40 -17.66
N LEU A 219 4.99 17.36 -17.62
CA LEU A 219 6.04 17.35 -16.59
C LEU A 219 5.42 17.48 -15.19
N LYS A 220 4.19 18.01 -15.14
CA LYS A 220 3.54 18.27 -13.85
C LYS A 220 2.75 17.07 -13.39
N ASN A 221 2.75 16.07 -14.25
CA ASN A 221 1.99 14.83 -14.00
C ASN A 221 2.68 13.68 -14.72
N PHE A 222 4.01 13.53 -14.52
CA PHE A 222 4.75 12.61 -15.30
C PHE A 222 4.44 11.16 -14.96
N ALA A 223 3.99 10.91 -13.72
CA ALA A 223 3.67 9.50 -13.34
C ALA A 223 2.60 8.92 -14.25
N GLU A 224 1.59 9.74 -14.61
CA GLU A 224 0.61 9.27 -15.59
C GLU A 224 1.22 8.98 -16.98
N GLU A 225 2.15 9.84 -17.42
CA GLU A 225 2.66 9.62 -18.76
C GLU A 225 3.48 8.37 -18.83
N TYR A 226 4.17 8.01 -17.74
CA TYR A 226 4.96 6.81 -17.76
C TYR A 226 4.06 5.55 -17.74
N THR A 227 2.72 5.72 -17.65
CA THR A 227 1.92 4.51 -17.69
C THR A 227 1.36 4.32 -19.10
N LYS A 228 1.74 5.21 -20.00
CA LYS A 228 1.12 5.28 -21.34
C LYS A 228 1.86 4.46 -22.39
N GLY A 229 2.65 3.48 -21.97
CA GLY A 229 3.43 2.62 -22.90
C GLY A 229 2.46 1.78 -23.74
N PRO A 230 2.75 1.60 -25.02
CA PRO A 230 1.75 1.02 -25.91
C PRO A 230 1.65 -0.50 -25.79
N LYS A 231 2.50 -1.14 -25.00
CA LYS A 231 2.52 -2.61 -24.90
C LYS A 231 2.25 -3.14 -23.49
N ILE A 232 1.85 -2.26 -22.56
CA ILE A 232 1.76 -2.74 -21.16
C ILE A 232 0.79 -3.88 -21.03
N HIS A 233 -0.41 -3.78 -21.63
CA HIS A 233 -1.32 -4.96 -21.50
C HIS A 233 -0.86 -6.18 -22.24
N ASP A 234 -0.20 -6.01 -23.38
CA ASP A 234 0.41 -7.17 -23.98
C ASP A 234 1.45 -7.86 -23.08
N TYR A 235 2.24 -7.08 -22.33
CA TYR A 235 3.25 -7.74 -21.47
C TYR A 235 2.57 -8.38 -20.26
N VAL A 236 1.57 -7.68 -19.68
CA VAL A 236 0.97 -8.22 -18.43
C VAL A 236 0.20 -9.51 -18.79
N ASN A 237 -0.51 -9.46 -19.95
CA ASN A 237 -1.26 -10.66 -20.41
C ASN A 237 -0.28 -11.82 -20.75
N GLU A 238 0.84 -11.47 -21.37
CA GLU A 238 1.82 -12.48 -21.67
C GLU A 238 2.34 -13.16 -20.40
N MET A 239 2.62 -12.34 -19.38
CA MET A 239 3.06 -12.90 -18.08
C MET A 239 1.95 -13.79 -17.49
N ASN A 240 0.68 -13.38 -17.66
CA ASN A 240 -0.40 -14.21 -17.13
C ASN A 240 -0.39 -15.56 -17.89
N ARG A 241 -0.33 -15.48 -19.23
CA ARG A 241 -0.41 -16.69 -20.02
C ARG A 241 0.80 -17.63 -19.79
N GLU A 242 2.01 -17.08 -19.67
CA GLU A 242 3.22 -17.91 -19.55
C GLU A 242 3.61 -18.37 -18.15
N VAL A 243 3.12 -17.64 -17.13
CA VAL A 243 3.43 -17.92 -15.74
C VAL A 243 2.23 -17.93 -14.85
N LEU A 244 1.54 -16.80 -14.74
CA LEU A 244 0.59 -16.62 -13.61
C LEU A 244 -0.53 -17.64 -13.67
N SER A 245 -0.98 -17.94 -14.88
CA SER A 245 -2.15 -18.85 -14.98
C SER A 245 -1.77 -20.30 -14.71
N HIS A 246 -0.48 -20.61 -14.58
CA HIS A 246 0.02 -21.95 -14.38
C HIS A 246 0.12 -22.27 -12.93
N TYR A 247 -0.17 -21.30 -12.05
CA TYR A 247 -0.07 -21.55 -10.63
C TYR A 247 -1.39 -21.15 -9.99
N ASP A 248 -1.57 -21.44 -8.70
CA ASP A 248 -2.81 -21.16 -8.01
C ASP A 248 -2.57 -19.97 -7.06
N ILE A 249 -2.69 -18.75 -7.60
CA ILE A 249 -2.23 -17.56 -6.82
C ILE A 249 -3.18 -16.38 -6.96
N ALA A 250 -3.06 -15.42 -6.03
CA ALA A 250 -3.77 -14.16 -6.19
C ALA A 250 -2.65 -13.12 -6.56
N THR A 251 -2.95 -12.26 -7.55
CA THR A 251 -1.99 -11.23 -7.98
C THR A 251 -2.57 -9.87 -7.80
N ALA A 252 -1.75 -8.99 -7.23
CA ALA A 252 -2.22 -7.63 -7.00
C ALA A 252 -1.35 -6.73 -7.85
N GLY A 253 -1.94 -5.72 -8.43
CA GLY A 253 -1.11 -4.84 -9.26
C GLY A 253 -1.13 -3.44 -8.64
N GLN A 254 0.02 -2.87 -8.40
CA GLN A 254 0.15 -1.50 -7.95
C GLN A 254 0.21 -0.62 -9.21
N ILE A 255 -0.94 -0.04 -9.52
CA ILE A 255 -1.09 0.75 -10.80
C ILE A 255 -0.93 2.23 -10.53
N PHE A 256 0.23 2.53 -9.98
CA PHE A 256 0.48 3.92 -9.63
C PHE A 256 0.55 4.78 -10.93
N GLY A 257 -0.29 5.85 -10.94
CA GLY A 257 -0.29 6.84 -12.03
C GLY A 257 -1.33 6.54 -13.07
N VAL A 258 -1.98 5.38 -13.01
CA VAL A 258 -2.94 4.99 -14.04
C VAL A 258 -4.25 5.70 -13.70
N PRO A 259 -4.80 6.46 -14.62
CA PRO A 259 -6.15 7.07 -14.41
C PRO A 259 -7.15 6.01 -14.06
N LEU A 260 -8.07 6.34 -13.14
CA LEU A 260 -9.01 5.33 -12.68
C LEU A 260 -9.77 4.64 -13.83
N ASP A 261 -10.24 5.43 -14.81
CA ASP A 261 -11.01 4.85 -15.92
C ASP A 261 -10.21 3.77 -16.75
N LYS A 262 -8.88 3.83 -16.69
CA LYS A 262 -8.00 2.86 -17.37
C LYS A 262 -7.54 1.67 -16.51
N SER A 263 -7.93 1.68 -15.27
CA SER A 263 -7.48 0.64 -14.36
C SER A 263 -8.12 -0.72 -14.67
N ILE A 264 -9.39 -0.73 -15.12
CA ILE A 264 -10.11 -2.00 -15.26
C ILE A 264 -9.45 -2.92 -16.29
N LYS A 265 -8.66 -2.39 -17.25
CA LYS A 265 -8.03 -3.29 -18.21
C LYS A 265 -6.98 -4.21 -17.53
N PHE A 266 -6.47 -3.80 -16.38
CA PHE A 266 -5.52 -4.73 -15.69
C PHE A 266 -6.18 -5.83 -14.84
N PHE A 267 -7.45 -5.66 -14.51
CA PHE A 267 -8.07 -6.51 -13.42
C PHE A 267 -9.36 -7.16 -13.88
N ASP A 268 -9.92 -6.75 -15.01
CA ASP A 268 -11.14 -7.45 -15.49
C ASP A 268 -10.82 -8.94 -15.67
N ARG A 269 -11.53 -9.84 -15.00
CA ARG A 269 -11.14 -11.26 -15.01
C ARG A 269 -11.11 -11.83 -16.41
N ARG A 270 -11.90 -11.25 -17.30
CA ARG A 270 -11.90 -11.71 -18.68
C ARG A 270 -10.63 -11.45 -19.50
N ARG A 271 -9.82 -10.50 -19.05
CA ARG A 271 -8.62 -10.03 -19.75
C ARG A 271 -7.41 -10.88 -19.39
N ASN A 272 -7.51 -11.76 -18.35
CA ASN A 272 -6.39 -12.59 -17.95
C ASN A 272 -5.16 -11.78 -17.82
N GLU A 273 -5.25 -10.82 -16.90
CA GLU A 273 -4.13 -10.02 -16.49
C GLU A 273 -3.98 -10.22 -14.98
N LEU A 274 -4.41 -9.26 -14.12
CA LEU A 274 -4.20 -9.43 -12.70
C LEU A 274 -5.51 -9.57 -11.93
N ASN A 275 -5.44 -9.88 -10.63
CA ASN A 275 -6.66 -10.15 -9.86
C ASN A 275 -7.13 -8.94 -9.05
N ILE A 276 -6.21 -8.23 -8.39
CA ILE A 276 -6.61 -7.27 -7.29
C ILE A 276 -6.00 -5.89 -7.61
N ALA A 277 -6.87 -4.90 -7.73
CA ALA A 277 -6.40 -3.55 -8.00
C ALA A 277 -5.91 -2.79 -6.75
N PHE A 278 -4.65 -2.30 -6.76
CA PHE A 278 -4.20 -1.29 -5.79
C PHE A 278 -4.26 0.05 -6.52
N THR A 279 -5.28 0.83 -6.23
CA THR A 279 -5.43 2.18 -6.80
C THR A 279 -5.02 3.25 -5.79
N PHE A 280 -4.67 4.45 -6.32
CA PHE A 280 -4.20 5.47 -5.43
C PHE A 280 -4.99 6.73 -5.33
N ASP A 281 -6.16 6.71 -5.94
CA ASP A 281 -7.08 7.90 -5.98
C ASP A 281 -7.47 8.30 -4.55
N LEU A 282 -7.86 7.28 -3.73
CA LEU A 282 -8.22 7.62 -2.37
C LEU A 282 -7.09 8.05 -1.48
N ILE A 283 -6.03 7.26 -1.46
CA ILE A 283 -4.98 7.46 -0.50
C ILE A 283 -4.18 8.75 -0.82
N ARG A 284 -4.25 9.23 -2.05
CA ARG A 284 -3.61 10.49 -2.41
C ARG A 284 -4.59 11.61 -2.62
N LEU A 285 -5.81 11.52 -2.02
CA LEU A 285 -6.81 12.54 -2.41
C LEU A 285 -6.36 13.96 -1.98
N ASP A 286 -5.53 14.00 -0.95
CA ASP A 286 -5.10 15.28 -0.35
C ASP A 286 -3.67 15.61 -0.81
N ARG A 287 -3.22 15.02 -1.89
CA ARG A 287 -1.82 15.25 -2.36
C ARG A 287 -1.82 16.03 -3.63
N ASP A 288 -0.77 16.82 -3.81
CA ASP A 288 -0.59 17.63 -5.06
C ASP A 288 0.00 16.69 -6.09
N ALA A 289 -0.52 16.68 -7.32
CA ALA A 289 -0.07 15.76 -8.37
C ALA A 289 1.32 16.14 -8.96
N ASP A 290 1.62 17.45 -8.84
CA ASP A 290 2.86 18.08 -9.31
C ASP A 290 3.95 18.08 -8.24
N GLU A 291 3.74 18.83 -7.17
CA GLU A 291 4.69 18.88 -6.03
C GLU A 291 4.19 17.80 -5.07
N ARG A 292 4.69 16.60 -5.34
CA ARG A 292 4.07 15.30 -4.86
C ARG A 292 4.22 15.12 -3.37
N TRP A 293 5.14 15.87 -2.75
CA TRP A 293 5.28 15.90 -1.30
C TRP A 293 4.30 16.81 -0.55
N ARG A 294 3.56 17.68 -1.25
CA ARG A 294 2.69 18.64 -0.58
C ARG A 294 1.30 18.02 -0.30
N ARG A 295 0.76 18.35 0.85
CA ARG A 295 -0.65 17.99 1.10
C ARG A 295 -1.50 19.21 1.14
N LYS A 296 -2.80 18.99 1.03
CA LYS A 296 -3.81 20.10 0.98
C LYS A 296 -5.04 19.65 1.69
N ASP A 297 -5.91 20.61 1.97
CA ASP A 297 -7.13 20.29 2.76
C ASP A 297 -8.02 19.40 1.93
N TRP A 298 -8.76 18.56 2.64
CA TRP A 298 -9.72 17.67 2.01
C TRP A 298 -10.96 17.57 2.85
N THR A 299 -11.98 17.01 2.25
CA THR A 299 -13.24 16.90 2.92
C THR A 299 -13.78 15.48 2.85
N LEU A 300 -14.73 15.16 3.76
CA LEU A 300 -15.35 13.82 3.71
C LEU A 300 -16.12 13.61 2.43
N SER A 301 -16.83 14.66 1.96
CA SER A 301 -17.52 14.50 0.67
CA SER A 301 -17.50 14.51 0.66
C SER A 301 -16.53 14.16 -0.48
N GLN A 302 -15.32 14.73 -0.52
CA GLN A 302 -14.33 14.36 -1.51
CA GLN A 302 -14.36 14.37 -1.54
C GLN A 302 -13.93 12.90 -1.38
N PHE A 303 -13.65 12.51 -0.13
CA PHE A 303 -13.19 11.16 0.20
C PHE A 303 -14.27 10.13 -0.24
N ARG A 304 -15.52 10.35 0.16
CA ARG A 304 -16.61 9.37 -0.20
C ARG A 304 -16.89 9.32 -1.70
N LYS A 305 -16.76 10.46 -2.42
CA LYS A 305 -16.89 10.38 -3.85
C LYS A 305 -15.88 9.51 -4.51
N ILE A 306 -14.62 9.57 -3.98
CA ILE A 306 -13.61 8.70 -4.55
C ILE A 306 -13.96 7.21 -4.26
N VAL A 307 -14.36 6.93 -3.03
CA VAL A 307 -14.70 5.53 -2.69
C VAL A 307 -15.71 5.00 -3.70
N ASP A 308 -16.77 5.77 -3.94
CA ASP A 308 -17.81 5.31 -4.84
CA ASP A 308 -17.86 5.36 -4.85
C ASP A 308 -17.30 5.15 -6.28
N LYS A 309 -16.51 6.10 -6.78
CA LYS A 309 -15.95 5.98 -8.15
C LYS A 309 -15.09 4.74 -8.30
N VAL A 310 -14.22 4.51 -7.31
CA VAL A 310 -13.36 3.35 -7.30
C VAL A 310 -14.17 2.05 -7.27
N ASP A 311 -15.17 2.02 -6.44
CA ASP A 311 -16.09 0.85 -6.38
C ASP A 311 -16.77 0.58 -7.70
N GLN A 312 -17.29 1.62 -8.32
CA GLN A 312 -18.05 1.48 -9.58
C GLN A 312 -17.13 1.02 -10.73
N THR A 313 -15.91 1.49 -10.70
CA THR A 313 -14.90 1.21 -11.76
C THR A 313 -14.57 -0.29 -11.77
N ALA A 314 -14.43 -0.92 -10.59
CA ALA A 314 -14.28 -2.31 -10.55
C ALA A 314 -15.47 -3.06 -11.20
N GLY A 315 -16.67 -2.56 -10.98
CA GLY A 315 -17.83 -3.14 -11.62
C GLY A 315 -18.08 -4.59 -11.31
N GLU A 316 -18.63 -5.24 -12.30
CA GLU A 316 -18.94 -6.65 -12.20
C GLU A 316 -17.72 -7.58 -12.42
N TYR A 317 -16.68 -7.12 -13.15
CA TYR A 317 -15.66 -8.09 -13.52
C TYR A 317 -14.25 -7.89 -12.95
N GLY A 318 -14.03 -6.75 -12.31
CA GLY A 318 -12.74 -6.43 -11.65
C GLY A 318 -12.87 -6.65 -10.16
N TRP A 319 -11.82 -6.29 -9.44
CA TRP A 319 -11.86 -6.43 -7.97
C TRP A 319 -10.90 -5.49 -7.39
N ASN A 320 -11.30 -4.79 -6.31
CA ASN A 320 -10.39 -3.83 -5.65
C ASN A 320 -9.74 -4.36 -4.38
N ALA A 321 -8.48 -3.95 -4.08
CA ALA A 321 -8.12 -3.93 -2.66
C ALA A 321 -8.59 -2.66 -2.04
N PHE A 322 -8.61 -2.62 -0.70
CA PHE A 322 -8.91 -1.41 0.03
C PHE A 322 -7.94 -1.22 1.16
N PHE A 323 -7.29 -0.05 1.15
CA PHE A 323 -6.33 0.22 2.21
C PHE A 323 -6.30 1.72 2.48
N LEU A 324 -5.91 2.05 3.70
CA LEU A 324 -5.89 3.49 4.03
C LEU A 324 -4.48 3.92 4.28
N ASP A 325 -3.56 2.98 4.39
CA ASP A 325 -2.12 3.36 4.56
C ASP A 325 -1.33 2.16 4.11
N ASN A 326 0.00 2.34 4.07
CA ASN A 326 0.90 1.30 3.64
C ASN A 326 2.29 1.87 3.88
N HIS A 327 3.34 1.21 3.35
CA HIS A 327 4.74 1.59 3.67
C HIS A 327 5.12 2.84 2.86
N ASP A 328 4.21 3.36 2.04
CA ASP A 328 4.53 4.56 1.21
C ASP A 328 3.70 5.78 1.62
N ASN A 329 2.90 5.66 2.70
CA ASN A 329 2.00 6.74 2.95
C ASN A 329 1.85 6.90 4.50
N PRO A 330 1.42 8.07 4.96
CA PRO A 330 1.27 8.27 6.43
C PRO A 330 0.27 7.31 7.05
N ARG A 331 0.32 7.21 8.39
CA ARG A 331 -0.58 6.23 9.08
C ARG A 331 -2.03 6.72 9.01
N ALA A 332 -2.93 5.72 8.85
CA ALA A 332 -4.33 6.06 8.65
C ALA A 332 -4.92 6.94 9.71
N VAL A 333 -4.65 6.67 10.97
CA VAL A 333 -5.34 7.46 12.03
C VAL A 333 -4.92 8.93 11.99
N SER A 334 -3.68 9.19 11.60
CA SER A 334 -3.20 10.54 11.52
C SER A 334 -3.72 11.15 10.22
N HIS A 335 -3.69 10.42 9.10
CA HIS A 335 -4.06 10.98 7.82
C HIS A 335 -5.58 11.22 7.71
N PHE A 336 -6.38 10.20 8.03
CA PHE A 336 -7.85 10.28 7.82
C PHE A 336 -8.63 10.43 9.11
N GLY A 337 -7.98 10.23 10.24
CA GLY A 337 -8.68 10.33 11.55
C GLY A 337 -8.26 11.56 12.34
N ASP A 338 -8.28 11.42 13.66
CA ASP A 338 -7.81 12.44 14.58
C ASP A 338 -6.90 11.72 15.53
N ASP A 339 -5.61 11.98 15.45
CA ASP A 339 -4.64 11.20 16.21
C ASP A 339 -4.33 11.81 17.59
N ARG A 340 -5.09 12.84 18.01
CA ARG A 340 -4.90 13.38 19.40
C ARG A 340 -5.38 12.35 20.43
N PRO A 341 -4.83 12.40 21.64
CA PRO A 341 -5.18 11.36 22.64
C PRO A 341 -6.68 11.19 22.93
N GLN A 342 -7.47 12.25 22.84
CA GLN A 342 -8.89 12.16 23.15
C GLN A 342 -9.65 11.29 22.14
N TRP A 343 -9.12 11.28 20.91
CA TRP A 343 -9.86 10.74 19.76
C TRP A 343 -9.25 9.59 19.10
N ARG A 344 -7.91 9.38 19.28
CA ARG A 344 -7.23 8.39 18.53
C ARG A 344 -7.89 7.03 18.50
N GLU A 345 -8.20 6.42 19.66
CA GLU A 345 -8.73 5.06 19.69
C GLU A 345 -10.09 5.03 18.99
N HIS A 346 -10.90 6.02 19.24
CA HIS A 346 -12.19 6.01 18.51
C HIS A 346 -12.09 6.14 16.99
N ALA A 347 -11.30 7.13 16.54
CA ALA A 347 -11.09 7.27 15.11
C ALA A 347 -10.42 6.01 14.50
N ALA A 348 -9.51 5.35 15.23
CA ALA A 348 -8.86 4.17 14.68
C ALA A 348 -9.94 3.07 14.51
N LYS A 349 -10.90 2.99 15.46
CA LYS A 349 -11.88 1.99 15.36
C LYS A 349 -12.92 2.35 14.27
N ALA A 350 -13.12 3.64 14.06
CA ALA A 350 -14.02 4.09 12.99
C ALA A 350 -13.39 3.76 11.61
N LEU A 351 -12.04 3.93 11.46
CA LEU A 351 -11.43 3.71 10.13
C LEU A 351 -11.34 2.19 9.92
N ALA A 352 -11.26 1.42 11.01
CA ALA A 352 -11.16 -0.05 10.88
C ALA A 352 -12.52 -0.49 10.39
N THR A 353 -13.59 0.15 10.87
CA THR A 353 -14.95 -0.29 10.50
C THR A 353 -15.09 -0.01 9.00
N LEU A 354 -14.67 1.17 8.58
CA LEU A 354 -14.69 1.54 7.14
C LEU A 354 -13.99 0.49 6.31
N THR A 355 -12.72 0.21 6.65
CA THR A 355 -11.93 -0.72 5.89
C THR A 355 -12.52 -2.09 5.78
N LEU A 356 -13.07 -2.59 6.90
CA LEU A 356 -13.48 -3.97 6.91
C LEU A 356 -14.98 -4.10 6.47
N THR A 357 -15.51 -3.04 5.91
CA THR A 357 -16.89 -3.09 5.35
C THR A 357 -16.96 -2.60 3.91
N GLN A 358 -15.83 -2.67 3.21
CA GLN A 358 -15.76 -2.37 1.78
C GLN A 358 -15.85 -3.59 0.88
N ARG A 359 -16.36 -3.36 -0.34
CA ARG A 359 -16.55 -4.44 -1.33
C ARG A 359 -15.19 -4.53 -2.06
N ALA A 360 -14.27 -5.22 -1.37
CA ALA A 360 -12.82 -5.17 -1.73
C ALA A 360 -12.12 -6.12 -0.83
N THR A 361 -10.90 -6.44 -1.17
CA THR A 361 -10.04 -7.20 -0.24
C THR A 361 -9.32 -6.17 0.68
N PRO A 362 -9.58 -6.22 1.98
CA PRO A 362 -8.92 -5.22 2.86
C PRO A 362 -7.47 -5.57 3.13
N PHE A 363 -6.60 -4.55 3.18
CA PHE A 363 -5.23 -4.77 3.56
C PHE A 363 -5.06 -3.90 4.79
N ILE A 364 -4.54 -4.55 5.86
CA ILE A 364 -4.23 -3.90 7.17
C ILE A 364 -2.77 -3.75 7.26
N TYR A 365 -2.29 -2.51 7.39
CA TYR A 365 -0.83 -2.35 7.41
C TYR A 365 -0.36 -2.52 8.84
N GLN A 366 0.81 -3.13 9.01
CA GLN A 366 1.28 -3.42 10.35
C GLN A 366 1.23 -2.21 11.31
N GLY A 367 0.66 -2.42 12.48
CA GLY A 367 0.59 -1.35 13.50
C GLY A 367 -0.70 -0.57 13.43
N SER A 368 -1.40 -0.58 12.29
CA SER A 368 -2.71 0.11 12.18
C SER A 368 -3.75 -0.55 13.14
N GLU A 369 -3.55 -1.83 13.47
CA GLU A 369 -4.44 -2.56 14.37
C GLU A 369 -4.29 -2.11 15.83
N LEU A 370 -3.17 -1.40 16.12
CA LEU A 370 -2.98 -0.76 17.43
C LEU A 370 -3.35 0.71 17.46
N GLY A 371 -3.62 1.29 16.30
CA GLY A 371 -3.80 2.77 16.18
C GLY A 371 -2.47 3.49 16.25
N MET A 372 -1.35 2.89 15.80
CA MET A 372 -0.10 3.68 15.62
C MET A 372 -0.32 4.95 14.78
N THR A 373 0.51 5.95 15.11
CA THR A 373 0.31 7.31 14.48
C THR A 373 1.50 7.70 13.67
N ASN A 374 1.41 8.87 13.04
CA ASN A 374 2.63 9.49 12.43
C ASN A 374 3.64 9.77 13.51
N TYR A 375 4.90 9.95 13.07
CA TYR A 375 5.98 10.19 14.00
C TYR A 375 6.36 11.69 13.97
N PRO A 376 6.75 12.24 15.12
CA PRO A 376 7.04 13.70 15.20
C PRO A 376 8.43 14.12 14.65
N PHE A 377 8.58 13.99 13.33
CA PHE A 377 9.85 14.37 12.67
C PHE A 377 10.03 15.87 12.83
N LYS A 378 11.25 16.25 13.16
CA LYS A 378 11.51 17.73 13.42
C LYS A 378 12.34 18.31 12.27
N LYS A 379 13.55 17.82 12.19
CA LYS A 379 14.59 18.31 11.24
C LYS A 379 14.70 17.40 10.03
N ILE A 380 15.20 17.94 8.93
CA ILE A 380 15.36 17.16 7.74
C ILE A 380 16.19 15.87 7.97
N ASP A 381 17.22 15.92 8.86
CA ASP A 381 18.05 14.70 9.06
C ASP A 381 17.35 13.61 9.89
N ASP A 382 16.14 13.90 10.40
CA ASP A 382 15.36 12.94 11.22
C ASP A 382 14.72 11.90 10.25
N PHE A 383 14.65 12.26 8.99
CA PHE A 383 14.11 11.29 8.00
C PHE A 383 15.19 10.36 7.43
N ASP A 384 14.84 9.16 6.94
CA ASP A 384 15.78 8.12 6.34
CA ASP A 384 15.92 8.38 6.36
C ASP A 384 15.60 8.09 4.84
N ASP A 385 14.37 8.26 4.42
CA ASP A 385 13.94 7.85 3.07
C ASP A 385 14.58 8.57 1.92
N VAL A 386 15.09 7.81 0.93
CA VAL A 386 15.63 8.37 -0.32
C VAL A 386 14.68 9.38 -0.94
N GLU A 387 13.37 9.10 -0.91
CA GLU A 387 12.44 9.94 -1.62
C GLU A 387 12.29 11.35 -1.04
N VAL A 388 12.29 11.44 0.29
CA VAL A 388 12.23 12.76 0.91
C VAL A 388 13.53 13.55 0.62
N LYS A 389 14.70 12.88 0.59
CA LYS A 389 15.93 13.60 0.24
C LYS A 389 15.80 14.11 -1.20
N GLY A 390 15.31 13.28 -2.12
CA GLY A 390 15.09 13.75 -3.53
C GLY A 390 14.17 14.98 -3.64
N PHE A 391 13.08 15.00 -2.88
CA PHE A 391 12.18 16.19 -2.86
C PHE A 391 12.89 17.40 -2.28
N TRP A 392 13.64 17.17 -1.18
CA TRP A 392 14.42 18.27 -0.60
C TRP A 392 15.38 18.87 -1.61
N GLN A 393 16.06 18.00 -2.34
CA GLN A 393 17.03 18.48 -3.32
C GLN A 393 16.40 19.26 -4.45
N ASP A 394 15.27 18.77 -4.93
CA ASP A 394 14.57 19.42 -6.02
C ASP A 394 13.85 20.70 -5.67
N TYR A 395 13.41 20.86 -4.45
CA TYR A 395 12.49 21.96 -4.09
C TYR A 395 13.07 22.92 -3.05
N VAL A 396 13.91 22.43 -2.13
CA VAL A 396 14.45 23.27 -1.04
C VAL A 396 15.84 23.71 -1.47
N GLU A 397 16.64 22.79 -2.00
CA GLU A 397 18.10 23.18 -2.26
C GLU A 397 18.18 24.11 -3.48
N THR A 398 17.07 24.14 -4.24
CA THR A 398 16.95 25.02 -5.43
C THR A 398 16.33 26.37 -4.97
N GLY A 399 15.93 26.49 -3.73
CA GLY A 399 15.42 27.75 -3.18
C GLY A 399 13.97 27.94 -3.60
N LYS A 400 13.36 26.89 -4.19
CA LYS A 400 12.01 27.13 -4.71
C LYS A 400 10.97 27.17 -3.55
N VAL A 401 11.18 26.39 -2.46
CA VAL A 401 10.28 26.31 -1.28
C VAL A 401 11.12 26.49 -0.03
N LYS A 402 10.61 27.28 0.92
CA LYS A 402 11.27 27.45 2.19
C LYS A 402 11.37 26.10 2.93
N ALA A 403 12.54 25.86 3.54
CA ALA A 403 12.76 24.60 4.30
C ALA A 403 11.65 24.33 5.30
N GLU A 404 11.16 25.37 5.97
CA GLU A 404 10.23 25.12 7.05
C GLU A 404 8.86 24.74 6.48
N GLU A 405 8.45 25.35 5.36
CA GLU A 405 7.20 25.00 4.67
C GLU A 405 7.27 23.60 4.11
N PHE A 406 8.44 23.23 3.57
CA PHE A 406 8.64 21.85 3.02
C PHE A 406 8.42 20.89 4.22
N LEU A 407 9.03 21.22 5.37
CA LEU A 407 8.98 20.28 6.47
C LEU A 407 7.60 20.18 7.02
N GLN A 408 6.85 21.28 7.03
CA GLN A 408 5.44 21.24 7.54
C GLN A 408 4.61 20.26 6.71
N ASN A 409 4.88 20.16 5.41
CA ASN A 409 4.24 19.15 4.57
C ASN A 409 4.77 17.76 4.75
N VAL A 410 6.13 17.57 4.67
CA VAL A 410 6.62 16.20 4.67
C VAL A 410 6.50 15.57 6.04
N ARG A 411 6.41 16.36 7.12
CA ARG A 411 6.08 15.71 8.41
C ARG A 411 4.76 14.98 8.29
N GLN A 412 3.87 15.52 7.47
CA GLN A 412 2.54 14.87 7.35
C GLN A 412 2.59 13.77 6.26
N THR A 413 3.37 13.95 5.17
CA THR A 413 3.28 13.07 4.01
C THR A 413 4.36 12.02 3.84
N SER A 414 5.41 12.11 4.65
CA SER A 414 6.58 11.27 4.39
C SER A 414 6.26 9.77 4.57
N ARG A 415 6.85 8.94 3.68
CA ARG A 415 6.82 7.47 3.86
C ARG A 415 7.33 6.99 5.21
N ASP A 416 8.24 7.76 5.76
CA ASP A 416 8.89 7.26 6.99
C ASP A 416 7.97 7.27 8.20
N ASN A 417 6.84 8.01 8.10
CA ASN A 417 5.79 7.89 9.11
C ASN A 417 5.16 6.49 9.33
N SER A 418 5.22 5.65 8.31
N SER A 418 5.21 5.68 8.26
CA SER A 418 4.73 4.28 8.42
CA SER A 418 4.74 4.28 8.25
C SER A 418 5.88 3.28 8.53
C SER A 418 5.87 3.32 8.65
N ARG A 419 7.09 3.79 8.70
CA ARG A 419 8.21 2.86 8.81
C ARG A 419 8.87 2.88 10.17
N THR A 420 8.36 3.63 11.13
CA THR A 420 8.98 3.53 12.47
C THR A 420 8.62 2.17 13.05
N PRO A 421 9.54 1.56 13.85
CA PRO A 421 9.34 0.17 14.22
C PRO A 421 8.01 -0.15 15.00
N PHE A 422 7.47 -1.28 14.67
CA PHE A 422 6.31 -1.86 15.35
C PHE A 422 6.43 -1.81 16.89
N GLN A 423 5.33 -1.40 17.54
CA GLN A 423 5.37 -1.12 18.97
C GLN A 423 4.80 -2.33 19.74
N TRP A 424 5.66 -3.28 20.03
CA TRP A 424 5.17 -4.54 20.64
C TRP A 424 4.72 -4.43 22.07
N ASP A 425 5.51 -3.69 22.84
CA ASP A 425 5.24 -3.59 24.29
C ASP A 425 5.81 -2.31 24.87
N ALA A 426 5.75 -2.16 26.20
CA ALA A 426 6.16 -0.91 26.80
C ALA A 426 7.64 -0.96 27.34
N SER A 427 8.33 -2.02 27.02
CA SER A 427 9.78 -2.16 27.37
C SER A 427 10.66 -1.23 26.54
N LYS A 428 11.99 -1.24 26.79
CA LYS A 428 12.84 -0.37 26.04
C LYS A 428 12.66 -0.63 24.49
N ASN A 429 12.66 0.43 23.73
CA ASN A 429 12.39 0.39 22.27
C ASN A 429 11.15 -0.42 21.86
N ALA A 430 10.15 -0.41 22.75
CA ALA A 430 8.83 -0.99 22.51
C ALA A 430 9.00 -2.48 22.23
N GLY A 431 10.09 -3.11 22.75
CA GLY A 431 10.32 -4.51 22.55
C GLY A 431 10.59 -4.89 21.07
N PHE A 432 10.91 -3.91 20.20
CA PHE A 432 11.12 -4.22 18.80
C PHE A 432 12.59 -4.83 18.65
N THR A 433 13.49 -4.30 19.43
CA THR A 433 14.92 -4.67 19.26
C THR A 433 15.64 -4.64 20.62
N SER A 434 16.68 -5.46 20.75
CA SER A 434 17.55 -5.40 21.96
C SER A 434 18.70 -4.40 21.68
N GLY A 435 18.87 -3.97 20.42
CA GLY A 435 19.87 -2.97 20.02
C GLY A 435 19.30 -1.57 19.84
N THR A 436 19.81 -0.87 18.84
CA THR A 436 19.41 0.49 18.47
C THR A 436 18.60 0.42 17.18
N PRO A 437 17.34 0.85 17.26
CA PRO A 437 16.55 0.64 16.00
C PRO A 437 17.03 1.47 14.85
N TRP A 438 16.86 0.94 13.63
CA TRP A 438 17.32 1.62 12.42
C TRP A 438 16.75 2.97 12.19
N LEU A 439 15.49 3.10 12.64
CA LEU A 439 14.70 4.34 12.63
C LEU A 439 14.06 4.53 13.99
N LYS A 440 14.08 5.75 14.55
CA LYS A 440 13.65 5.90 15.94
C LYS A 440 12.17 5.56 16.13
N ILE A 441 11.91 4.92 17.28
CA ILE A 441 10.55 4.49 17.68
C ILE A 441 9.78 5.68 18.17
N ASN A 442 8.48 5.74 17.84
CA ASN A 442 7.67 6.81 18.36
C ASN A 442 7.60 6.72 19.89
N PRO A 443 7.86 7.85 20.59
CA PRO A 443 7.74 7.83 22.06
C PRO A 443 6.36 7.52 22.57
N ASN A 444 5.37 7.53 21.68
CA ASN A 444 4.02 7.16 22.13
C ASN A 444 3.86 5.64 22.30
N TYR A 445 4.94 4.87 22.18
CA TYR A 445 4.87 3.46 22.38
C TYR A 445 4.48 3.08 23.81
N LYS A 446 4.71 3.98 24.80
CA LYS A 446 4.32 3.55 26.14
C LYS A 446 2.80 3.59 26.28
N GLU A 447 2.14 4.36 25.43
CA GLU A 447 0.70 4.37 25.39
C GLU A 447 0.08 3.41 24.33
N ILE A 448 0.80 3.19 23.27
CA ILE A 448 0.27 2.46 22.07
C ILE A 448 1.22 1.27 21.86
N ASN A 449 0.80 0.08 22.30
CA ASN A 449 1.61 -1.12 22.10
C ASN A 449 0.77 -2.38 22.22
N SER A 450 1.19 -3.42 21.52
CA SER A 450 0.37 -4.60 21.39
C SER A 450 0.12 -5.26 22.73
N ALA A 451 1.11 -5.25 23.62
CA ALA A 451 0.95 -5.94 24.93
C ALA A 451 -0.23 -5.33 25.71
N ASP A 452 -0.40 -4.02 25.61
CA ASP A 452 -1.43 -3.32 26.35
C ASP A 452 -2.80 -3.56 25.68
N GLN A 453 -2.86 -4.11 24.46
CA GLN A 453 -4.17 -4.22 23.78
C GLN A 453 -4.67 -5.66 23.60
N ILE A 454 -3.76 -6.64 23.44
CA ILE A 454 -4.20 -7.99 23.00
C ILE A 454 -5.26 -8.64 23.94
N ASN A 455 -5.18 -8.31 25.22
CA ASN A 455 -6.05 -8.93 26.23
C ASN A 455 -7.08 -7.95 26.77
N ASN A 456 -7.09 -6.72 26.25
CA ASN A 456 -8.05 -5.71 26.70
C ASN A 456 -9.17 -5.75 25.68
N PRO A 457 -10.39 -6.14 26.09
CA PRO A 457 -11.49 -6.30 25.13
C PRO A 457 -11.96 -5.01 24.48
N ASN A 458 -11.58 -3.88 25.04
CA ASN A 458 -11.93 -2.57 24.55
C ASN A 458 -10.87 -1.99 23.63
N SER A 459 -9.80 -2.72 23.34
CA SER A 459 -8.66 -2.11 22.61
C SER A 459 -8.97 -1.99 21.10
N VAL A 460 -8.17 -1.12 20.44
CA VAL A 460 -8.17 -1.10 18.96
C VAL A 460 -7.89 -2.46 18.41
N PHE A 461 -6.89 -3.21 18.91
CA PHE A 461 -6.61 -4.53 18.35
C PHE A 461 -7.84 -5.46 18.41
N ASN A 462 -8.52 -5.47 19.56
CA ASN A 462 -9.68 -6.36 19.64
C ASN A 462 -10.86 -5.91 18.87
N TYR A 463 -10.94 -4.59 18.58
CA TYR A 463 -12.05 -4.12 17.77
C TYR A 463 -11.78 -4.56 16.31
N TYR A 464 -10.52 -4.46 15.82
CA TYR A 464 -10.22 -5.05 14.49
C TYR A 464 -10.56 -6.57 14.50
N ARG A 465 -10.23 -7.28 15.60
CA ARG A 465 -10.44 -8.72 15.66
C ARG A 465 -11.94 -8.98 15.53
N LYS A 466 -12.75 -8.17 16.26
CA LYS A 466 -14.17 -8.32 16.18
C LYS A 466 -14.76 -8.09 14.76
N LEU A 467 -14.28 -6.99 14.14
CA LEU A 467 -14.72 -6.62 12.78
C LEU A 467 -14.34 -7.70 11.76
N ILE A 468 -13.13 -8.31 11.86
CA ILE A 468 -12.75 -9.34 10.97
C ILE A 468 -13.65 -10.56 11.10
N ASN A 469 -14.02 -10.90 12.33
CA ASN A 469 -14.99 -11.97 12.58
C ASN A 469 -16.31 -11.66 12.05
N ILE A 470 -16.75 -10.39 12.21
CA ILE A 470 -18.07 -9.97 11.62
C ILE A 470 -18.10 -10.08 10.10
N ARG A 471 -17.04 -9.61 9.47
CA ARG A 471 -16.99 -9.64 8.02
C ARG A 471 -17.05 -11.09 7.52
N HIS A 472 -16.36 -12.00 8.21
CA HIS A 472 -16.28 -13.43 7.79
C HIS A 472 -17.64 -14.09 7.95
N ASP A 473 -18.48 -13.52 8.81
CA ASP A 473 -19.79 -14.10 9.15
C ASP A 473 -20.91 -13.51 8.33
N ILE A 474 -20.72 -12.31 7.77
CA ILE A 474 -21.83 -11.68 7.02
C ILE A 474 -21.44 -11.46 5.55
N PRO A 475 -21.91 -12.36 4.63
CA PRO A 475 -21.47 -12.28 3.21
C PRO A 475 -21.70 -10.94 2.57
N ALA A 476 -22.71 -10.21 2.97
CA ALA A 476 -22.98 -8.93 2.31
C ALA A 476 -21.85 -7.96 2.58
N LEU A 477 -21.09 -8.10 3.67
CA LEU A 477 -19.95 -7.17 3.95
C LEU A 477 -18.72 -7.41 3.06
N THR A 478 -18.64 -8.55 2.42
CA THR A 478 -17.66 -8.80 1.38
C THR A 478 -18.18 -8.53 0.00
N TYR A 479 -19.32 -9.13 -0.39
CA TYR A 479 -19.75 -9.13 -1.79
C TYR A 479 -20.95 -8.24 -2.08
N GLY A 480 -21.53 -7.64 -1.04
CA GLY A 480 -22.76 -6.88 -1.24
C GLY A 480 -22.48 -5.61 -2.06
N SER A 481 -23.45 -5.12 -2.82
CA SER A 481 -23.26 -3.90 -3.52
C SER A 481 -23.25 -2.69 -2.58
N TYR A 482 -22.62 -1.62 -3.01
CA TYR A 482 -22.33 -0.48 -2.14
C TYR A 482 -23.13 0.69 -2.62
N ILE A 483 -23.79 1.38 -1.72
CA ILE A 483 -24.53 2.61 -2.04
C ILE A 483 -24.22 3.61 -0.97
N ASP A 484 -23.71 4.80 -1.38
CA ASP A 484 -23.51 5.90 -0.43
C ASP A 484 -24.87 6.65 -0.26
N LEU A 485 -25.27 6.87 0.99
CA LEU A 485 -26.57 7.53 1.25
C LEU A 485 -26.57 9.01 0.81
N ASP A 486 -25.41 9.67 0.88
CA ASP A 486 -25.33 11.11 0.54
C ASP A 486 -23.88 11.52 0.28
N PRO A 487 -23.47 11.46 -0.98
CA PRO A 487 -22.04 11.75 -1.31
C PRO A 487 -21.61 13.18 -0.99
N ASP A 488 -22.56 14.11 -0.70
CA ASP A 488 -22.17 15.49 -0.34
C ASP A 488 -22.15 15.79 1.14
N ASN A 489 -22.39 14.78 2.02
CA ASN A 489 -22.44 15.06 3.44
C ASN A 489 -20.98 15.09 3.99
N ASN A 490 -20.54 16.19 4.59
CA ASN A 490 -19.11 16.26 5.13
C ASN A 490 -19.01 15.91 6.59
N SER A 491 -20.11 15.42 7.17
CA SER A 491 -20.13 15.09 8.64
C SER A 491 -20.26 13.59 8.92
N VAL A 492 -21.25 12.97 8.34
CA VAL A 492 -21.60 11.58 8.68
C VAL A 492 -21.48 10.76 7.40
N TYR A 493 -20.59 9.74 7.46
CA TYR A 493 -20.42 8.86 6.33
C TYR A 493 -21.33 7.63 6.59
N ALA A 494 -22.27 7.48 5.67
CA ALA A 494 -23.30 6.41 5.78
C ALA A 494 -23.54 5.71 4.44
N TYR A 495 -23.42 4.39 4.44
CA TYR A 495 -23.54 3.64 3.19
C TYR A 495 -24.13 2.31 3.51
N THR A 496 -24.71 1.71 2.47
CA THR A 496 -25.27 0.33 2.65
C THR A 496 -24.48 -0.68 1.84
N ARG A 497 -24.53 -1.91 2.35
CA ARG A 497 -24.07 -3.06 1.65
C ARG A 497 -25.18 -4.08 1.55
N THR A 498 -25.42 -4.53 0.33
CA THR A 498 -26.67 -5.29 0.07
C THR A 498 -26.44 -6.54 -0.72
N LEU A 499 -26.94 -7.67 -0.24
CA LEU A 499 -27.00 -8.89 -1.09
C LEU A 499 -28.36 -9.45 -1.05
N GLY A 500 -29.14 -9.29 -2.15
CA GLY A 500 -30.58 -9.63 -2.11
C GLY A 500 -31.33 -8.88 -1.01
N ALA A 501 -32.03 -9.60 -0.16
CA ALA A 501 -32.81 -9.07 0.96
C ALA A 501 -31.93 -8.63 2.11
N GLU A 502 -30.65 -9.02 2.10
CA GLU A 502 -29.85 -8.79 3.27
C GLU A 502 -29.14 -7.42 3.11
N LYS A 503 -29.49 -6.45 3.96
CA LYS A 503 -28.95 -5.13 3.75
C LYS A 503 -28.36 -4.63 5.04
N TYR A 504 -27.14 -4.10 4.99
CA TYR A 504 -26.51 -3.59 6.20
C TYR A 504 -26.16 -2.13 5.98
N LEU A 505 -26.03 -1.39 7.08
CA LEU A 505 -25.75 0.08 7.04
C LEU A 505 -24.51 0.30 7.84
N VAL A 506 -23.60 1.10 7.33
CA VAL A 506 -22.42 1.45 8.09
C VAL A 506 -22.55 2.99 8.30
N VAL A 507 -22.33 3.46 9.53
CA VAL A 507 -22.43 4.87 9.85
C VAL A 507 -21.26 5.28 10.69
N ILE A 508 -20.54 6.35 10.27
CA ILE A 508 -19.39 6.86 10.98
C ILE A 508 -19.52 8.34 11.10
N ASN A 509 -19.43 8.82 12.35
CA ASN A 509 -19.45 10.26 12.56
C ASN A 509 -17.99 10.81 12.47
N PHE A 510 -17.69 11.65 11.46
CA PHE A 510 -16.27 12.18 11.32
C PHE A 510 -16.15 13.49 12.08
N LYS A 511 -17.22 13.90 12.74
CA LYS A 511 -17.21 15.18 13.56
C LYS A 511 -16.93 14.91 15.02
N GLU A 512 -16.36 15.92 15.69
CA GLU A 512 -16.03 15.74 17.14
C GLU A 512 -17.13 16.35 18.01
N GLU A 513 -18.31 16.34 17.45
CA GLU A 513 -19.50 16.81 18.12
C GLU A 513 -20.54 15.76 17.89
N VAL A 514 -21.45 15.69 18.84
CA VAL A 514 -22.69 14.92 18.63
C VAL A 514 -23.40 15.27 17.34
N MET A 515 -23.67 14.26 16.53
CA MET A 515 -24.53 14.48 15.34
C MET A 515 -25.75 13.60 15.42
N HIS A 516 -26.92 14.20 15.14
CA HIS A 516 -28.17 13.46 14.92
C HIS A 516 -28.26 13.14 13.49
N TYR A 517 -28.57 11.87 13.17
CA TYR A 517 -28.64 11.51 11.79
C TYR A 517 -29.88 10.68 11.54
N THR A 518 -30.76 11.25 10.76
CA THR A 518 -32.05 10.59 10.43
C THR A 518 -31.91 9.78 9.15
N LEU A 519 -32.32 8.51 9.17
CA LEU A 519 -32.18 7.70 7.96
C LEU A 519 -33.11 8.13 6.80
N PRO A 520 -32.67 7.96 5.54
CA PRO A 520 -33.48 8.32 4.40
C PRO A 520 -34.60 7.35 4.08
N GLY A 521 -35.67 7.86 3.43
CA GLY A 521 -36.77 7.02 2.94
C GLY A 521 -37.38 6.14 4.01
N ASP A 522 -37.52 4.87 3.72
CA ASP A 522 -38.20 3.94 4.61
C ASP A 522 -37.22 3.09 5.41
N LEU A 523 -35.94 3.48 5.42
CA LEU A 523 -34.93 2.62 6.04
C LEU A 523 -35.14 2.61 7.56
N SER A 524 -35.00 1.44 8.20
CA SER A 524 -35.10 1.42 9.68
C SER A 524 -34.26 0.25 10.17
N ILE A 525 -33.87 0.32 11.42
CA ILE A 525 -32.87 -0.65 11.94
C ILE A 525 -33.52 -1.93 12.43
N ASN A 526 -32.97 -3.06 11.97
CA ASN A 526 -33.34 -4.40 12.52
C ASN A 526 -32.46 -4.84 13.68
N LYS A 527 -31.13 -4.63 13.59
CA LYS A 527 -30.23 -5.08 14.66
C LYS A 527 -28.99 -4.22 14.64
N VAL A 528 -28.38 -4.07 15.82
CA VAL A 528 -27.01 -3.50 15.90
C VAL A 528 -26.04 -4.67 15.74
N ILE A 529 -25.14 -4.58 14.76
CA ILE A 529 -24.16 -5.60 14.64
C ILE A 529 -22.94 -5.22 15.52
N THR A 530 -22.49 -3.98 15.45
CA THR A 530 -21.42 -3.51 16.39
C THR A 530 -21.42 -1.99 16.38
N GLU A 531 -21.02 -1.39 17.49
CA GLU A 531 -20.81 0.06 17.58
C GLU A 531 -19.59 0.32 18.45
N ASN A 532 -18.93 1.43 18.21
CA ASN A 532 -17.94 1.93 19.12
C ASN A 532 -18.27 3.37 19.46
N ASN A 533 -18.13 3.67 20.74
CA ASN A 533 -18.40 4.97 21.32
C ASN A 533 -19.91 5.29 21.26
N SER A 534 -20.75 4.32 21.42
CA SER A 534 -22.13 4.85 21.43
C SER A 534 -22.58 5.01 22.89
N HIS A 535 -23.63 5.78 23.05
CA HIS A 535 -24.17 6.18 24.35
C HIS A 535 -25.68 6.01 24.21
N THR A 536 -26.28 6.30 23.04
CA THR A 536 -27.75 6.15 22.97
C THR A 536 -28.14 4.82 22.39
N ILE A 537 -28.91 4.03 23.13
CA ILE A 537 -29.31 2.68 22.66
C ILE A 537 -30.17 2.71 21.37
N VAL A 538 -30.09 1.67 20.57
CA VAL A 538 -30.75 1.57 19.30
C VAL A 538 -31.70 0.39 19.45
N ASN A 539 -33.00 0.67 19.19
CA ASN A 539 -34.07 -0.31 19.34
C ASN A 539 -34.59 -0.62 17.94
N LYS A 540 -35.28 -1.74 17.88
CA LYS A 540 -35.90 -2.26 16.70
C LYS A 540 -36.77 -1.16 16.07
N ASN A 541 -36.60 -0.97 14.77
CA ASN A 541 -37.30 0.02 13.96
C ASN A 541 -36.83 1.46 14.15
N ASP A 542 -35.73 1.69 14.84
CA ASP A 542 -35.24 3.08 14.98
C ASP A 542 -34.99 3.60 13.56
N ARG A 543 -35.26 4.88 13.36
CA ARG A 543 -35.05 5.53 12.03
C ARG A 543 -34.08 6.68 12.13
N GLN A 544 -33.49 6.81 13.30
CA GLN A 544 -32.55 7.90 13.59
C GLN A 544 -31.46 7.36 14.48
N LEU A 545 -30.28 7.92 14.38
CA LEU A 545 -29.18 7.58 15.29
C LEU A 545 -28.71 8.87 15.94
N ARG A 546 -28.37 8.88 17.22
CA ARG A 546 -27.74 10.05 17.80
C ARG A 546 -26.29 9.66 17.93
N LEU A 547 -25.43 10.21 17.09
CA LEU A 547 -24.04 9.74 17.09
C LEU A 547 -23.10 10.54 17.99
N GLU A 548 -22.39 9.87 18.88
CA GLU A 548 -21.38 10.54 19.66
C GLU A 548 -20.24 10.94 18.70
N PRO A 549 -19.39 11.88 19.12
CA PRO A 549 -18.18 12.19 18.33
C PRO A 549 -17.39 10.92 17.98
N TRP A 550 -17.02 10.77 16.71
CA TRP A 550 -16.21 9.59 16.27
C TRP A 550 -16.96 8.29 16.50
N GLN A 551 -18.29 8.33 16.64
CA GLN A 551 -18.95 7.04 16.86
C GLN A 551 -18.96 6.29 15.48
N SER A 552 -18.82 4.99 15.54
CA SER A 552 -18.94 4.19 14.27
C SER A 552 -19.83 2.96 14.55
N GLY A 553 -20.52 2.46 13.51
CA GLY A 553 -21.28 1.25 13.74
C GLY A 553 -21.67 0.57 12.43
N ILE A 554 -22.13 -0.68 12.62
CA ILE A 554 -22.73 -1.54 11.54
C ILE A 554 -24.07 -1.98 12.08
N TYR A 555 -25.10 -1.81 11.26
CA TYR A 555 -26.49 -2.18 11.59
C TYR A 555 -27.09 -3.02 10.50
N LYS A 556 -28.00 -3.94 10.82
CA LYS A 556 -28.67 -4.64 9.78
C LYS A 556 -30.00 -3.87 9.65
N LEU A 557 -30.44 -3.65 8.42
CA LEU A 557 -31.67 -2.88 8.17
C LEU A 557 -32.84 -3.84 8.04
N ASN A 558 -34.03 -3.34 8.35
CA ASN A 558 -35.29 -4.13 8.08
C ASN A 558 -35.55 -4.31 6.56
N PRO A 559 -36.17 -5.44 6.17
CA PRO A 559 -36.43 -5.56 4.76
C PRO A 559 -37.68 -4.79 4.40
#